data_4QMP
#
_entry.id   4QMP
#
_cell.length_a   99.440
_cell.length_b   57.450
_cell.length_c   61.540
_cell.angle_alpha   90.00
_cell.angle_beta   93.66
_cell.angle_gamma   90.00
#
_symmetry.space_group_name_H-M   'C 1 2 1'
#
loop_
_entity.id
_entity.type
_entity.pdbx_description
1 polymer 'Serine/threonine-protein kinase 24'
2 non-polymer 1,2-ETHANEDIOL
3 non-polymer 5-AMINO-3-{[4-(AMINOSULFONYL)PHENYL]AMINO}-N-(2,6-DIFLUOROPHENYL)-1H-1,2,4-TRIAZOLE-1-CARBOTHIOAMIDE
4 water water
#
_entity_poly.entity_id   1
_entity_poly.type   'polypeptide(L)'
_entity_poly.pdbx_seq_one_letter_code
;GPLGSEFMAHSPVQSGLPGMQNLKADPEELFTKLEKIGKGSFGEVFKGIDNRTQKVVAIKIIDLEEAEDEIEDIQQEITV
LSQCDSPYVTKYYGSYLKDTKLWIIMEYLGGGSALDLLEPGPLDETQIATILREILKGLDYLHSEKKIHRDIKAANVLLS
EHGEVKLADFGVAGQLTDTQIKRN(TPO)FVGTPFWMAPEVIKQSAYDSKADIWSLGITAIELARGEPPHSELHPMKVLF
LIPKNNPPTLEGNYSKPLKEFVEACLNKEPSFRPTAKELLKHKFILRNAKKTSYLTELIDRYKRWKAEQSHDDS
;
_entity_poly.pdbx_strand_id   A
#
loop_
_chem_comp.id
_chem_comp.type
_chem_comp.name
_chem_comp.formula
DKI non-polymer 5-AMINO-3-{[4-(AMINOSULFONYL)PHENYL]AMINO}-N-(2,6-DIFLUOROPHENYL)-1H-1,2,4-TRIAZOLE-1-CARBOTHIOAMIDE 'C15 H13 F2 N7 O2 S2'
EDO non-polymer 1,2-ETHANEDIOL 'C2 H6 O2'
#
# COMPACT_ATOMS: atom_id res chain seq x y z
N GLY A 16 -6.31 21.85 -12.02
CA GLY A 16 -6.53 20.72 -12.91
C GLY A 16 -6.70 19.43 -12.13
N LEU A 17 -7.25 18.41 -12.78
CA LEU A 17 -7.44 17.11 -12.14
C LEU A 17 -7.37 15.99 -13.16
N PRO A 18 -6.23 15.28 -13.22
CA PRO A 18 -5.97 14.24 -14.22
C PRO A 18 -7.07 13.17 -14.27
N GLY A 19 -7.51 12.86 -15.48
CA GLY A 19 -8.53 11.85 -15.68
C GLY A 19 -9.94 12.34 -15.38
N MET A 20 -10.11 13.64 -15.14
CA MET A 20 -11.45 14.17 -14.90
C MET A 20 -12.32 13.96 -16.12
N GLN A 21 -13.53 13.44 -15.91
CA GLN A 21 -14.42 13.14 -17.03
C GLN A 21 -15.36 14.30 -17.29
N ASN A 22 -16.13 14.18 -18.37
CA ASN A 22 -17.17 15.16 -18.70
C ASN A 22 -18.18 15.23 -17.57
N LEU A 23 -18.49 16.44 -17.09
CA LEU A 23 -19.40 16.60 -15.96
C LEU A 23 -20.83 16.18 -16.31
N LYS A 24 -21.14 16.10 -17.61
CA LYS A 24 -22.45 15.61 -18.00
C LYS A 24 -22.55 14.11 -17.77
N ALA A 25 -21.41 13.41 -17.81
CA ALA A 25 -21.38 11.99 -17.51
C ALA A 25 -21.82 11.74 -16.07
N ASP A 26 -22.82 10.90 -15.90
CA ASP A 26 -23.34 10.56 -14.59
C ASP A 26 -22.78 9.19 -14.14
N PRO A 27 -21.84 9.21 -13.18
CA PRO A 27 -21.23 7.95 -12.73
C PRO A 27 -22.29 7.03 -12.14
N GLU A 28 -23.38 7.59 -11.60
CA GLU A 28 -24.46 6.76 -11.09
C GLU A 28 -25.16 6.01 -12.21
N GLU A 29 -25.02 6.48 -13.44
CA GLU A 29 -25.51 5.74 -14.60
C GLU A 29 -24.44 4.84 -15.21
N LEU A 30 -23.19 5.27 -15.16
CA LEU A 30 -22.10 4.52 -15.80
C LEU A 30 -21.57 3.40 -14.94
N PHE A 31 -21.81 3.49 -13.63
CA PHE A 31 -21.37 2.44 -12.72
C PHE A 31 -22.48 2.03 -11.78
N THR A 32 -22.49 0.75 -11.43
CA THR A 32 -23.36 0.22 -10.40
C THR A 32 -22.56 0.12 -9.11
N LYS A 33 -22.92 0.95 -8.13
CA LYS A 33 -22.27 0.96 -6.81
C LYS A 33 -22.71 -0.23 -5.97
N LEU A 34 -21.75 -1.02 -5.51
CA LEU A 34 -22.05 -2.18 -4.68
C LEU A 34 -21.55 -1.96 -3.25
N GLU A 35 -21.19 -3.03 -2.56
CA GLU A 35 -20.88 -2.95 -1.14
C GLU A 35 -19.56 -2.22 -0.86
N LYS A 36 -19.44 -1.70 0.36
CA LYS A 36 -18.23 -1.03 0.81
C LYS A 36 -17.10 -2.04 0.93
N ILE A 37 -15.91 -1.70 0.46
CA ILE A 37 -14.81 -2.62 0.64
C ILE A 37 -13.65 -2.00 1.40
N GLY A 38 -13.81 -0.75 1.80
CA GLY A 38 -12.76 -0.10 2.57
C GLY A 38 -12.92 1.37 2.89
N LYS A 39 -12.00 1.86 3.72
CA LYS A 39 -11.92 3.27 4.03
C LYS A 39 -10.49 3.71 3.81
N GLY A 40 -10.27 4.53 2.78
CA GLY A 40 -8.92 4.98 2.46
C GLY A 40 -8.46 6.15 3.31
N SER A 41 -7.24 6.63 3.02
CA SER A 41 -6.72 7.86 3.64
C SER A 41 -7.69 9.02 3.43
N PHE A 42 -8.35 9.02 2.28
CA PHE A 42 -9.45 9.95 1.99
C PHE A 42 -10.63 9.19 1.40
N GLY A 43 -11.83 9.55 1.83
CA GLY A 43 -13.06 9.00 1.27
C GLY A 43 -13.33 7.54 1.62
N GLU A 44 -14.46 7.02 1.12
CA GLU A 44 -14.78 5.61 1.26
C GLU A 44 -14.67 4.89 -0.08
N VAL A 45 -14.35 3.60 -0.06
CA VAL A 45 -14.19 2.83 -1.29
C VAL A 45 -15.26 1.75 -1.44
N PHE A 46 -15.85 1.69 -2.63
CA PHE A 46 -16.85 0.69 -2.95
C PHE A 46 -16.50 -0.21 -4.12
N LYS A 47 -16.92 -1.47 -4.03
CA LYS A 47 -16.94 -2.34 -5.20
C LYS A 47 -17.99 -1.80 -6.16
N GLY A 48 -17.68 -1.86 -7.46
CA GLY A 48 -18.57 -1.33 -8.47
C GLY A 48 -18.50 -2.13 -9.75
N ILE A 49 -19.53 -1.96 -10.58
CA ILE A 49 -19.52 -2.55 -11.91
C ILE A 49 -19.51 -1.44 -12.95
N ASP A 50 -18.58 -1.51 -13.90
CA ASP A 50 -18.59 -0.63 -15.05
C ASP A 50 -19.72 -1.11 -15.94
N ASN A 51 -20.73 -0.26 -16.16
CA ASN A 51 -21.91 -0.73 -16.88
C ASN A 51 -21.69 -0.95 -18.37
N ARG A 52 -20.64 -0.35 -18.93
CA ARG A 52 -20.32 -0.54 -20.34
C ARG A 52 -19.51 -1.83 -20.62
N THR A 53 -18.54 -2.16 -19.76
CA THR A 53 -17.71 -3.34 -19.98
C THR A 53 -18.13 -4.53 -19.11
N GLN A 54 -18.89 -4.24 -18.07
CA GLN A 54 -19.23 -5.20 -17.02
C GLN A 54 -17.99 -5.66 -16.23
N LYS A 55 -16.89 -4.93 -16.35
CA LYS A 55 -15.76 -5.21 -15.47
C LYS A 55 -16.04 -4.66 -14.06
N VAL A 56 -15.46 -5.31 -13.05
CA VAL A 56 -15.60 -4.83 -11.69
C VAL A 56 -14.56 -3.74 -11.47
N VAL A 57 -14.95 -2.66 -10.81
CA VAL A 57 -14.02 -1.60 -10.45
C VAL A 57 -14.08 -1.31 -8.95
N ALA A 58 -13.09 -0.58 -8.47
CA ALA A 58 -13.13 -0.04 -7.12
C ALA A 58 -13.40 1.45 -7.23
N ILE A 59 -14.41 1.91 -6.49
CA ILE A 59 -14.83 3.30 -6.55
C ILE A 59 -14.65 4.00 -5.23
N LYS A 60 -13.75 4.99 -5.22
CA LYS A 60 -13.56 5.81 -4.04
C LYS A 60 -14.42 7.05 -4.15
N ILE A 61 -15.32 7.23 -3.20
CA ILE A 61 -16.20 8.39 -3.24
C ILE A 61 -15.80 9.36 -2.13
N ILE A 62 -15.68 10.63 -2.52
CA ILE A 62 -15.29 11.70 -1.62
C ILE A 62 -16.29 12.85 -1.70
N ASP A 63 -16.88 13.24 -0.57
CA ASP A 63 -17.76 14.41 -0.56
C ASP A 63 -16.91 15.67 -0.44
N LEU A 64 -16.90 16.47 -1.50
CA LEU A 64 -16.05 17.64 -1.58
C LEU A 64 -16.53 18.78 -0.66
N GLU A 65 -17.82 18.79 -0.35
CA GLU A 65 -18.37 19.84 0.52
C GLU A 65 -17.85 19.68 1.95
N GLU A 66 -18.01 18.49 2.51
CA GLU A 66 -17.49 18.22 3.84
C GLU A 66 -16.01 17.84 3.78
N ALA A 67 -15.27 18.58 2.97
CA ALA A 67 -13.83 18.42 2.87
C ALA A 67 -13.15 19.78 2.86
N GLU A 68 -12.29 20.02 3.85
CA GLU A 68 -11.49 21.23 3.87
C GLU A 68 -10.02 20.83 3.98
N ASP A 69 -9.16 21.54 3.25
CA ASP A 69 -7.73 21.30 3.26
C ASP A 69 -7.37 19.86 2.90
N GLU A 70 -8.38 19.09 2.48
CA GLU A 70 -8.18 17.71 2.07
C GLU A 70 -8.24 17.60 0.55
N ILE A 71 -8.71 18.64 -0.11
CA ILE A 71 -8.93 18.55 -1.54
C ILE A 71 -7.61 18.58 -2.30
N GLU A 72 -6.65 19.38 -1.83
CA GLU A 72 -5.34 19.39 -2.47
C GLU A 72 -4.67 18.03 -2.32
N ASP A 73 -4.94 17.38 -1.18
CA ASP A 73 -4.43 16.05 -0.93
C ASP A 73 -5.07 15.03 -1.88
N ILE A 74 -6.36 15.22 -2.15
CA ILE A 74 -7.08 14.37 -3.10
C ILE A 74 -6.49 14.52 -4.49
N GLN A 75 -6.23 15.76 -4.87
CA GLN A 75 -5.68 16.07 -6.19
C GLN A 75 -4.30 15.47 -6.36
N GLN A 76 -3.51 15.50 -5.30
CA GLN A 76 -2.17 14.90 -5.33
C GLN A 76 -2.28 13.40 -5.54
N GLU A 77 -3.23 12.76 -4.84
CA GLU A 77 -3.42 11.31 -4.97
C GLU A 77 -3.74 10.92 -6.39
N ILE A 78 -4.70 11.62 -6.98
CA ILE A 78 -5.09 11.34 -8.35
C ILE A 78 -3.96 11.65 -9.33
N THR A 79 -3.24 12.75 -9.11
CA THR A 79 -2.09 13.04 -9.93
C THR A 79 -1.06 11.88 -9.89
N VAL A 80 -0.60 11.53 -8.70
CA VAL A 80 0.39 10.47 -8.55
C VAL A 80 -0.11 9.18 -9.21
N LEU A 81 -1.37 8.83 -8.94
CA LEU A 81 -1.97 7.62 -9.50
C LEU A 81 -1.95 7.62 -11.01
N SER A 82 -2.36 8.75 -11.61
CA SER A 82 -2.44 8.86 -13.05
C SER A 82 -1.07 8.82 -13.73
N GLN A 83 -0.01 9.08 -12.98
CA GLN A 83 1.34 9.10 -13.52
C GLN A 83 2.04 7.74 -13.41
N CYS A 84 1.36 6.77 -12.80
CA CYS A 84 1.91 5.43 -12.67
C CYS A 84 1.41 4.51 -13.77
N ASP A 85 2.33 3.81 -14.40
CA ASP A 85 1.96 2.81 -15.39
C ASP A 85 2.79 1.58 -15.14
N SER A 86 2.29 0.70 -14.27
CA SER A 86 3.05 -0.46 -13.80
C SER A 86 2.12 -1.56 -13.38
N PRO A 87 2.49 -2.82 -13.65
CA PRO A 87 1.77 -4.00 -13.16
C PRO A 87 1.66 -4.03 -11.63
N TYR A 88 2.45 -3.22 -10.92
CA TYR A 88 2.52 -3.32 -9.46
C TYR A 88 1.84 -2.16 -8.77
N VAL A 89 1.14 -1.32 -9.54
CA VAL A 89 0.39 -0.19 -9.01
C VAL A 89 -1.04 -0.26 -9.53
N THR A 90 -2.01 -0.18 -8.62
CA THR A 90 -3.42 -0.12 -8.99
C THR A 90 -3.67 0.92 -10.06
N LYS A 91 -4.39 0.52 -11.11
CA LYS A 91 -4.68 1.41 -12.24
C LYS A 91 -5.75 2.44 -11.88
N TYR A 92 -5.65 3.60 -12.51
CA TYR A 92 -6.61 4.70 -12.36
C TYR A 92 -7.36 4.91 -13.68
N TYR A 93 -8.69 4.92 -13.62
CA TYR A 93 -9.50 4.95 -14.84
C TYR A 93 -10.23 6.28 -15.05
N GLY A 94 -9.97 7.25 -14.17
CA GLY A 94 -10.59 8.56 -14.29
C GLY A 94 -11.48 8.91 -13.13
N SER A 95 -11.90 10.18 -13.07
CA SER A 95 -12.75 10.67 -12.01
C SER A 95 -14.01 11.34 -12.57
N TYR A 96 -15.12 11.22 -11.85
CA TYR A 96 -16.40 11.78 -12.24
C TYR A 96 -16.95 12.63 -11.12
N LEU A 97 -17.75 13.63 -11.46
CA LEU A 97 -18.43 14.40 -10.43
C LEU A 97 -19.92 14.07 -10.43
N LYS A 98 -20.45 13.85 -9.23
CA LYS A 98 -21.88 13.68 -9.06
C LYS A 98 -22.31 14.61 -7.96
N ASP A 99 -22.86 15.75 -8.36
CA ASP A 99 -23.25 16.80 -7.43
C ASP A 99 -22.05 17.24 -6.61
N THR A 100 -22.04 16.95 -5.32
CA THR A 100 -20.93 17.36 -4.47
C THR A 100 -19.90 16.26 -4.26
N LYS A 101 -20.12 15.10 -4.89
CA LYS A 101 -19.25 13.95 -4.62
C LYS A 101 -18.34 13.60 -5.80
N LEU A 102 -17.09 13.28 -5.48
CA LEU A 102 -16.11 12.89 -6.49
C LEU A 102 -15.99 11.37 -6.52
N TRP A 103 -16.26 10.76 -7.67
CA TRP A 103 -16.11 9.31 -7.84
C TRP A 103 -14.78 9.03 -8.52
N ILE A 104 -13.85 8.42 -7.78
CA ILE A 104 -12.55 8.08 -8.33
C ILE A 104 -12.54 6.60 -8.69
N ILE A 105 -12.38 6.32 -9.98
CA ILE A 105 -12.50 4.96 -10.48
C ILE A 105 -11.13 4.29 -10.57
N MET A 106 -11.02 3.15 -9.93
CA MET A 106 -9.75 2.43 -9.82
C MET A 106 -9.93 0.97 -10.17
N GLU A 107 -8.82 0.33 -10.52
CA GLU A 107 -8.77 -1.09 -10.76
C GLU A 107 -9.21 -1.84 -9.51
N TYR A 108 -10.12 -2.80 -9.69
CA TYR A 108 -10.52 -3.69 -8.61
C TYR A 108 -9.64 -4.93 -8.56
N LEU A 109 -9.14 -5.25 -7.38
CA LEU A 109 -8.34 -6.46 -7.22
C LEU A 109 -9.10 -7.48 -6.38
N GLY A 110 -9.47 -8.59 -7.02
CA GLY A 110 -10.44 -9.50 -6.44
C GLY A 110 -9.97 -10.34 -5.27
N GLY A 111 -8.67 -10.32 -5.00
CA GLY A 111 -8.14 -11.10 -3.88
C GLY A 111 -8.11 -10.41 -2.53
N GLY A 112 -8.42 -9.11 -2.49
CA GLY A 112 -8.43 -8.36 -1.22
C GLY A 112 -7.03 -7.97 -0.79
N SER A 113 -6.86 -7.48 0.43
CA SER A 113 -5.53 -7.05 0.89
C SER A 113 -4.76 -8.21 1.52
N ALA A 114 -3.44 -8.08 1.56
CA ALA A 114 -2.60 -9.08 2.21
C ALA A 114 -3.06 -9.23 3.66
N LEU A 115 -3.52 -8.13 4.25
CA LEU A 115 -4.01 -8.14 5.62
C LEU A 115 -5.24 -9.02 5.73
N ASP A 116 -6.15 -8.90 4.76
CA ASP A 116 -7.31 -9.76 4.67
C ASP A 116 -6.89 -11.23 4.65
N LEU A 117 -5.94 -11.56 3.78
CA LEU A 117 -5.53 -12.93 3.57
C LEU A 117 -4.84 -13.55 4.78
N LEU A 118 -4.51 -12.71 5.75
CA LEU A 118 -3.94 -13.15 7.03
C LEU A 118 -5.00 -13.65 8.02
N GLU A 119 -6.26 -13.27 7.81
CA GLU A 119 -7.30 -13.64 8.79
C GLU A 119 -7.50 -15.17 8.98
N PRO A 120 -7.40 -15.99 7.91
CA PRO A 120 -7.55 -17.42 8.20
C PRO A 120 -6.39 -18.03 9.01
N GLY A 121 -5.26 -17.32 9.09
CA GLY A 121 -4.10 -17.83 9.81
C GLY A 121 -2.79 -17.35 9.21
N PRO A 122 -1.66 -17.76 9.81
CA PRO A 122 -0.35 -17.27 9.37
C PRO A 122 -0.01 -17.61 7.93
N LEU A 123 0.86 -16.80 7.33
CA LEU A 123 1.42 -17.13 6.03
C LEU A 123 2.62 -18.05 6.23
N ASP A 124 3.02 -18.78 5.20
CA ASP A 124 4.28 -19.50 5.28
C ASP A 124 5.34 -18.61 4.64
N GLU A 125 6.60 -19.00 4.75
CA GLU A 125 7.65 -18.08 4.33
C GLU A 125 7.75 -17.98 2.83
N THR A 126 7.26 -18.99 2.11
CA THR A 126 7.17 -18.89 0.66
C THR A 126 6.19 -17.78 0.26
N GLN A 127 5.05 -17.76 0.93
CA GLN A 127 4.04 -16.75 0.65
C GLN A 127 4.56 -15.37 1.05
N ILE A 128 5.20 -15.30 2.21
CA ILE A 128 5.77 -14.04 2.68
C ILE A 128 6.79 -13.49 1.68
N ALA A 129 7.74 -14.34 1.29
CA ALA A 129 8.74 -13.97 0.30
C ALA A 129 8.15 -13.50 -1.03
N THR A 130 7.15 -14.24 -1.53
CA THR A 130 6.50 -13.90 -2.80
C THR A 130 5.80 -12.53 -2.70
N ILE A 131 5.03 -12.32 -1.65
CA ILE A 131 4.34 -11.03 -1.50
C ILE A 131 5.37 -9.89 -1.37
N LEU A 132 6.40 -10.09 -0.56
CA LEU A 132 7.44 -9.07 -0.40
C LEU A 132 8.15 -8.81 -1.71
N ARG A 133 8.45 -9.86 -2.47
CA ARG A 133 9.12 -9.67 -3.74
C ARG A 133 8.32 -8.77 -4.67
N GLU A 134 7.00 -8.99 -4.73
CA GLU A 134 6.16 -8.19 -5.62
C GLU A 134 5.99 -6.76 -5.10
N ILE A 135 5.90 -6.61 -3.77
CA ILE A 135 5.88 -5.26 -3.20
C ILE A 135 7.16 -4.52 -3.63
N LEU A 136 8.28 -5.22 -3.56
CA LEU A 136 9.57 -4.63 -3.95
C LEU A 136 9.62 -4.24 -5.43
N LYS A 137 8.94 -5.01 -6.28
CA LYS A 137 8.92 -4.65 -7.70
C LYS A 137 8.15 -3.33 -7.82
N GLY A 138 7.08 -3.20 -7.05
CA GLY A 138 6.32 -1.96 -7.00
C GLY A 138 7.14 -0.79 -6.46
N LEU A 139 7.91 -1.04 -5.41
CA LEU A 139 8.71 0.04 -4.81
C LEU A 139 9.85 0.42 -5.75
N ASP A 140 10.44 -0.57 -6.41
CA ASP A 140 11.47 -0.27 -7.39
C ASP A 140 10.93 0.64 -8.49
N TYR A 141 9.74 0.33 -8.99
CA TYR A 141 9.09 1.19 -9.98
C TYR A 141 8.92 2.61 -9.46
N LEU A 142 8.22 2.75 -8.34
CA LEU A 142 7.93 4.08 -7.79
C LEU A 142 9.22 4.88 -7.55
N HIS A 143 10.19 4.26 -6.91
CA HIS A 143 11.43 4.95 -6.57
C HIS A 143 12.19 5.35 -7.82
N SER A 144 12.12 4.54 -8.88
CA SER A 144 12.73 4.91 -10.16
C SER A 144 12.02 6.13 -10.74
N GLU A 145 10.75 6.30 -10.40
CA GLU A 145 9.96 7.43 -10.85
C GLU A 145 10.04 8.61 -9.90
N LYS A 146 10.93 8.51 -8.93
CA LYS A 146 11.16 9.54 -7.91
C LYS A 146 9.92 9.75 -7.03
N LYS A 147 9.07 8.74 -6.95
CA LYS A 147 7.92 8.78 -6.06
C LYS A 147 8.18 7.98 -4.79
N ILE A 148 7.58 8.44 -3.70
CA ILE A 148 7.58 7.71 -2.43
C ILE A 148 6.14 7.38 -2.04
N HIS A 149 5.89 6.15 -1.60
CA HIS A 149 4.50 5.78 -1.30
C HIS A 149 4.08 6.37 0.04
N ARG A 150 4.97 6.18 1.02
CA ARG A 150 4.84 6.69 2.39
C ARG A 150 3.76 6.04 3.24
N ASP A 151 3.01 5.08 2.69
CA ASP A 151 2.07 4.36 3.53
C ASP A 151 2.10 2.86 3.22
N ILE A 152 3.29 2.29 3.05
CA ILE A 152 3.40 0.85 2.86
C ILE A 152 2.97 0.11 4.13
N LYS A 153 1.98 -0.76 3.98
CA LYS A 153 1.50 -1.63 5.05
C LYS A 153 0.62 -2.68 4.39
N ALA A 154 0.40 -3.80 5.08
CA ALA A 154 -0.34 -4.91 4.45
C ALA A 154 -1.75 -4.53 3.97
N ALA A 155 -2.41 -3.58 4.63
CA ALA A 155 -3.73 -3.12 4.20
C ALA A 155 -3.68 -2.46 2.83
N ASN A 156 -2.54 -1.90 2.50
CA ASN A 156 -2.39 -1.19 1.23
C ASN A 156 -1.71 -2.04 0.16
N VAL A 157 -1.64 -3.35 0.42
CA VAL A 157 -1.11 -4.31 -0.54
C VAL A 157 -2.24 -5.22 -0.99
N LEU A 158 -2.62 -5.11 -2.27
CA LEU A 158 -3.76 -5.85 -2.81
C LEU A 158 -3.36 -6.95 -3.77
N LEU A 159 -4.19 -8.00 -3.85
CA LEU A 159 -3.97 -9.12 -4.75
C LEU A 159 -5.11 -9.28 -5.75
N SER A 160 -4.79 -9.53 -7.01
CA SER A 160 -5.84 -9.92 -7.95
C SER A 160 -6.31 -11.32 -7.58
N GLU A 161 -7.39 -11.81 -8.16
CA GLU A 161 -7.81 -13.15 -7.76
C GLU A 161 -6.95 -14.22 -8.44
N HIS A 162 -6.03 -13.80 -9.30
CA HIS A 162 -5.05 -14.71 -9.90
C HIS A 162 -3.70 -14.64 -9.16
N GLY A 163 -3.63 -13.80 -8.12
CA GLY A 163 -2.48 -13.75 -7.25
C GLY A 163 -1.48 -12.66 -7.52
N GLU A 164 -1.80 -11.76 -8.45
CA GLU A 164 -0.89 -10.65 -8.76
C GLU A 164 -0.96 -9.66 -7.61
N VAL A 165 0.18 -9.08 -7.26
CA VAL A 165 0.28 -8.19 -6.10
C VAL A 165 0.53 -6.74 -6.52
N LYS A 166 -0.30 -5.84 -6.00
CA LYS A 166 -0.21 -4.43 -6.31
C LYS A 166 -0.35 -3.52 -5.11
N LEU A 167 0.30 -2.39 -5.20
CA LEU A 167 0.23 -1.29 -4.26
C LEU A 167 -0.96 -0.40 -4.49
N ALA A 168 -1.52 0.05 -3.41
CA ALA A 168 -2.71 0.83 -3.37
C ALA A 168 -2.66 1.99 -2.37
N ASP A 169 -3.66 2.85 -2.46
CA ASP A 169 -3.80 3.98 -1.57
C ASP A 169 -2.67 4.96 -1.55
N PHE A 170 -2.61 5.77 -2.57
CA PHE A 170 -1.55 6.72 -2.80
C PHE A 170 -1.87 8.05 -2.15
N GLY A 171 -2.73 7.98 -1.16
CA GLY A 171 -3.30 9.12 -0.51
C GLY A 171 -2.26 10.02 0.13
N VAL A 172 -1.12 9.48 0.51
CA VAL A 172 -0.08 10.35 1.05
C VAL A 172 1.22 10.25 0.29
N ALA A 173 1.17 9.76 -0.95
CA ALA A 173 2.38 9.56 -1.74
C ALA A 173 3.07 10.88 -2.07
N GLY A 174 4.40 10.84 -2.19
CA GLY A 174 5.17 12.04 -2.38
C GLY A 174 5.95 12.00 -3.67
N GLN A 175 6.28 13.17 -4.22
CA GLN A 175 7.07 13.24 -5.44
C GLN A 175 8.37 14.02 -5.23
N LEU A 176 9.48 13.39 -5.61
CA LEU A 176 10.78 14.03 -5.57
C LEU A 176 11.03 14.71 -6.89
N THR A 177 11.70 15.85 -6.86
CA THR A 177 11.98 16.58 -8.09
C THR A 177 13.47 16.91 -8.17
N ASP A 178 13.80 17.87 -9.03
CA ASP A 178 15.15 18.41 -9.09
C ASP A 178 15.32 19.51 -8.06
N THR A 179 14.27 20.30 -7.87
CA THR A 179 14.23 21.37 -6.88
C THR A 179 13.84 20.89 -5.48
N GLN A 180 13.70 19.57 -5.32
CA GLN A 180 13.38 18.99 -4.02
C GLN A 180 13.75 17.51 -3.97
N ILE A 181 14.95 17.23 -3.48
CA ILE A 181 15.49 15.88 -3.51
C ILE A 181 15.09 15.07 -2.27
N LYS A 182 14.53 15.75 -1.28
CA LYS A 182 14.01 15.08 -0.09
C LYS A 182 12.70 15.73 0.35
N ARG A 183 11.86 14.96 1.05
CA ARG A 183 10.64 15.52 1.65
C ARG A 183 10.87 15.57 3.16
N ASN A 184 9.99 16.25 3.87
CA ASN A 184 10.06 16.22 5.33
C ASN A 184 8.69 16.24 5.99
N TPO A 185 7.63 16.15 5.20
CA TPO A 185 6.26 16.14 5.71
CB TPO A 185 5.25 16.20 4.54
CG2 TPO A 185 3.81 16.23 5.07
OG1 TPO A 185 5.48 17.38 3.78
P TPO A 185 5.52 17.01 2.22
O1P TPO A 185 6.46 15.89 1.97
O2P TPO A 185 6.05 18.27 1.38
O3P TPO A 185 4.05 16.57 1.73
C TPO A 185 5.98 14.93 6.59
O TPO A 185 6.39 13.80 6.27
N PHE A 186 5.30 15.17 7.72
CA PHE A 186 4.84 14.10 8.60
C PHE A 186 3.61 13.39 8.05
N VAL A 187 3.81 12.26 7.36
CA VAL A 187 2.68 11.48 6.83
C VAL A 187 2.94 10.00 6.95
N GLY A 188 1.88 9.19 7.04
CA GLY A 188 2.03 7.75 7.10
C GLY A 188 1.08 7.16 8.11
N THR A 189 1.24 5.88 8.40
CA THR A 189 0.52 5.26 9.51
C THR A 189 1.53 4.99 10.63
N PRO A 190 1.27 5.52 11.84
CA PRO A 190 2.25 5.54 12.93
C PRO A 190 3.10 4.26 13.11
N PHE A 191 2.49 3.08 13.26
CA PHE A 191 3.30 1.86 13.48
C PHE A 191 4.28 1.56 12.37
N TRP A 192 4.00 2.06 11.17
CA TRP A 192 4.81 1.72 10.00
C TRP A 192 5.76 2.84 9.58
N MET A 193 5.71 3.99 10.28
CA MET A 193 6.47 5.17 9.86
C MET A 193 7.93 5.08 10.26
N ALA A 194 8.81 5.55 9.37
CA ALA A 194 10.24 5.52 9.62
C ALA A 194 10.61 6.61 10.62
N PRO A 195 11.66 6.35 11.41
CA PRO A 195 12.05 7.34 12.43
C PRO A 195 12.36 8.71 11.84
N GLU A 196 13.00 8.79 10.68
CA GLU A 196 13.27 10.11 10.10
C GLU A 196 11.99 10.84 9.66
N VAL A 197 10.92 10.08 9.37
CA VAL A 197 9.68 10.73 8.93
C VAL A 197 8.97 11.32 10.16
N ILE A 198 8.86 10.51 11.21
CA ILE A 198 8.33 10.99 12.48
C ILE A 198 9.10 12.22 12.98
N LYS A 199 10.41 12.18 12.91
CA LYS A 199 11.24 13.30 13.34
C LYS A 199 11.20 14.46 12.34
N GLN A 200 10.57 14.24 11.19
CA GLN A 200 10.51 15.21 10.09
C GLN A 200 11.89 15.72 9.62
N SER A 201 12.89 14.84 9.64
CA SER A 201 14.16 15.11 8.97
C SER A 201 13.94 15.00 7.47
N ALA A 202 14.92 15.43 6.68
CA ALA A 202 14.82 15.27 5.24
C ALA A 202 14.90 13.78 4.93
N TYR A 203 13.96 13.28 4.14
CA TYR A 203 13.95 11.85 3.82
C TYR A 203 13.56 11.61 2.36
N ASP A 204 13.76 10.39 1.90
CA ASP A 204 13.45 10.01 0.53
C ASP A 204 12.89 8.58 0.47
N SER A 205 13.16 7.87 -0.62
CA SER A 205 12.63 6.52 -0.82
C SER A 205 13.01 5.54 0.30
N LYS A 206 14.09 5.82 1.02
CA LYS A 206 14.51 4.90 2.08
C LYS A 206 13.44 4.79 3.18
N ALA A 207 12.61 5.81 3.34
CA ALA A 207 11.47 5.74 4.26
C ALA A 207 10.52 4.59 3.92
N ASP A 208 10.25 4.38 2.64
CA ASP A 208 9.46 3.22 2.22
C ASP A 208 10.17 1.90 2.61
N ILE A 209 11.49 1.87 2.57
CA ILE A 209 12.22 0.62 2.88
C ILE A 209 12.03 0.27 4.35
N TRP A 210 12.03 1.27 5.22
CA TRP A 210 11.72 1.01 6.62
C TRP A 210 10.30 0.48 6.77
N SER A 211 9.33 1.14 6.12
CA SER A 211 7.94 0.68 6.18
C SER A 211 7.81 -0.76 5.67
N LEU A 212 8.61 -1.13 4.68
CA LEU A 212 8.60 -2.51 4.16
C LEU A 212 9.03 -3.50 5.23
N GLY A 213 10.04 -3.13 6.02
CA GLY A 213 10.49 -4.01 7.10
C GLY A 213 9.39 -4.25 8.12
N ILE A 214 8.68 -3.19 8.49
CA ILE A 214 7.54 -3.32 9.42
C ILE A 214 6.47 -4.22 8.81
N THR A 215 6.27 -4.03 7.51
CA THR A 215 5.29 -4.81 6.77
C THR A 215 5.70 -6.28 6.75
N ALA A 216 7.01 -6.53 6.62
CA ALA A 216 7.53 -7.90 6.67
C ALA A 216 7.17 -8.57 8.00
N ILE A 217 7.36 -7.84 9.11
CA ILE A 217 6.97 -8.34 10.42
C ILE A 217 5.48 -8.59 10.48
N GLU A 218 4.72 -7.65 9.92
CA GLU A 218 3.27 -7.75 9.87
C GLU A 218 2.85 -9.00 9.12
N LEU A 219 3.53 -9.28 8.01
CA LEU A 219 3.21 -10.44 7.20
C LEU A 219 3.61 -11.73 7.93
N ALA A 220 4.63 -11.65 8.77
CA ALA A 220 5.10 -12.84 9.49
C ALA A 220 4.26 -13.09 10.74
N ARG A 221 3.86 -12.03 11.43
CA ARG A 221 3.26 -12.17 12.74
C ARG A 221 1.80 -11.75 12.80
N GLY A 222 1.36 -11.00 11.80
CA GLY A 222 -0.04 -10.61 11.74
C GLY A 222 -0.27 -9.17 12.15
N GLU A 223 0.69 -8.60 12.87
CA GLU A 223 0.61 -7.24 13.40
C GLU A 223 1.99 -6.60 13.37
N PRO A 224 2.06 -5.27 13.30
CA PRO A 224 3.35 -4.58 13.39
C PRO A 224 3.83 -4.44 14.85
N PRO A 225 5.13 -4.15 15.05
CA PRO A 225 5.62 -3.85 16.40
C PRO A 225 4.78 -2.76 17.07
N HIS A 226 4.65 -2.85 18.39
CA HIS A 226 3.95 -1.85 19.20
C HIS A 226 2.45 -1.78 18.96
N SER A 227 1.89 -2.77 18.27
CA SER A 227 0.49 -2.71 17.83
C SER A 227 -0.51 -2.65 18.98
N GLU A 228 -0.08 -2.99 20.19
CA GLU A 228 -1.02 -2.98 21.32
C GLU A 228 -0.96 -1.65 22.08
N LEU A 229 -0.20 -0.70 21.55
CA LEU A 229 -0.02 0.58 22.20
C LEU A 229 -0.78 1.69 21.50
N HIS A 230 -0.96 2.80 22.21
CA HIS A 230 -1.59 3.96 21.62
C HIS A 230 -0.63 4.50 20.59
N PRO A 231 -1.14 4.83 19.39
CA PRO A 231 -0.29 5.30 18.30
C PRO A 231 0.58 6.50 18.70
N MET A 232 0.11 7.33 19.63
CA MET A 232 0.88 8.52 19.98
C MET A 232 2.22 8.16 20.64
N LYS A 233 2.27 7.02 21.32
CA LYS A 233 3.51 6.58 21.96
C LYS A 233 4.67 6.37 20.98
N VAL A 234 4.37 6.02 19.73
CA VAL A 234 5.43 5.72 18.77
C VAL A 234 6.19 6.98 18.34
N LEU A 235 5.65 8.14 18.69
CA LEU A 235 6.31 9.40 18.34
C LEU A 235 7.63 9.58 19.08
N PHE A 236 7.78 8.90 20.21
CA PHE A 236 9.07 8.83 20.90
C PHE A 236 9.65 7.42 20.85
N LEU A 237 8.76 6.42 20.87
CA LEU A 237 9.21 5.03 20.88
C LEU A 237 10.07 4.70 19.67
N ILE A 238 9.59 5.06 18.48
CA ILE A 238 10.32 4.70 17.27
C ILE A 238 11.64 5.48 17.13
N PRO A 239 11.65 6.81 17.36
CA PRO A 239 12.94 7.50 17.22
C PRO A 239 13.97 7.18 18.31
N LYS A 240 13.53 6.78 19.50
CA LYS A 240 14.48 6.63 20.59
C LYS A 240 14.87 5.18 20.89
N ASN A 241 14.03 4.23 20.51
CA ASN A 241 14.38 2.82 20.74
C ASN A 241 15.24 2.24 19.62
N ASN A 242 15.91 1.15 19.93
CA ASN A 242 16.52 0.32 18.91
C ASN A 242 15.41 -0.15 18.00
N PRO A 243 15.72 -0.27 16.70
CA PRO A 243 14.70 -0.70 15.73
C PRO A 243 14.16 -2.06 16.09
N PRO A 244 12.90 -2.34 15.70
CA PRO A 244 12.32 -3.66 15.98
C PRO A 244 13.06 -4.78 15.25
N THR A 245 12.92 -5.99 15.75
CA THR A 245 13.45 -7.15 15.04
C THR A 245 12.34 -8.17 14.98
N LEU A 246 12.47 -9.16 14.10
CA LEU A 246 11.43 -10.18 13.98
C LEU A 246 11.69 -11.28 15.00
N GLU A 247 10.80 -11.39 15.99
CA GLU A 247 10.96 -12.37 17.05
C GLU A 247 10.04 -13.54 16.84
N GLY A 248 10.56 -14.73 17.06
CA GLY A 248 9.78 -15.94 16.91
C GLY A 248 10.56 -16.95 16.10
N ASN A 249 9.89 -18.03 15.71
CA ASN A 249 10.56 -19.09 14.99
C ASN A 249 10.47 -18.86 13.49
N TYR A 250 11.27 -17.92 13.01
CA TYR A 250 11.33 -17.61 11.59
C TYR A 250 12.76 -17.83 11.10
N SER A 251 12.91 -18.10 9.81
CA SER A 251 14.24 -18.38 9.27
C SER A 251 15.17 -17.20 9.47
N LYS A 252 16.47 -17.50 9.55
CA LYS A 252 17.46 -16.44 9.70
C LYS A 252 17.43 -15.48 8.50
N PRO A 253 17.29 -15.99 7.26
CA PRO A 253 17.17 -15.05 6.13
C PRO A 253 16.02 -14.05 6.29
N LEU A 254 14.85 -14.51 6.77
CA LEU A 254 13.73 -13.60 6.96
C LEU A 254 14.06 -12.60 8.07
N LYS A 255 14.62 -13.08 9.18
CA LYS A 255 15.00 -12.16 10.26
C LYS A 255 16.01 -11.13 9.77
N GLU A 256 16.96 -11.57 8.94
CA GLU A 256 17.94 -10.64 8.38
C GLU A 256 17.35 -9.68 7.33
N PHE A 257 16.41 -10.14 6.51
CA PHE A 257 15.67 -9.24 5.60
C PHE A 257 15.07 -8.08 6.40
N VAL A 258 14.33 -8.42 7.45
CA VAL A 258 13.74 -7.44 8.33
C VAL A 258 14.78 -6.51 8.94
N GLU A 259 15.87 -7.05 9.50
CA GLU A 259 16.93 -6.19 10.04
C GLU A 259 17.54 -5.25 9.00
N ALA A 260 17.74 -5.74 7.78
CA ALA A 260 18.28 -4.91 6.72
C ALA A 260 17.38 -3.68 6.48
N CYS A 261 16.07 -3.93 6.51
CA CYS A 261 15.10 -2.85 6.32
C CYS A 261 15.05 -1.92 7.53
N LEU A 262 15.00 -2.51 8.72
CA LEU A 262 14.81 -1.72 9.93
C LEU A 262 16.14 -1.32 10.56
N ASN A 263 16.86 -0.43 9.88
CA ASN A 263 18.04 0.21 10.44
C ASN A 263 17.68 1.66 10.67
N LYS A 264 18.07 2.21 11.82
CA LYS A 264 17.76 3.61 12.13
C LYS A 264 18.41 4.57 11.14
N GLU A 265 19.52 4.15 10.54
CA GLU A 265 20.22 4.99 9.56
C GLU A 265 19.77 4.73 8.11
N PRO A 266 19.05 5.69 7.48
CA PRO A 266 18.46 5.43 6.16
C PRO A 266 19.48 4.97 5.11
N SER A 267 20.67 5.54 5.11
CA SER A 267 21.68 5.11 4.14
C SER A 267 22.17 3.67 4.34
N PHE A 268 21.84 3.07 5.48
CA PHE A 268 22.24 1.66 5.74
C PHE A 268 21.19 0.69 5.25
N ARG A 269 20.02 1.22 4.87
CA ARG A 269 18.96 0.41 4.28
C ARG A 269 19.26 0.18 2.80
N PRO A 270 19.07 -1.06 2.32
CA PRO A 270 19.29 -1.34 0.91
C PRO A 270 18.20 -0.69 0.08
N THR A 271 18.45 -0.51 -1.21
CA THR A 271 17.40 -0.07 -2.13
C THR A 271 16.44 -1.22 -2.42
N ALA A 272 15.27 -0.90 -2.97
CA ALA A 272 14.32 -1.94 -3.35
C ALA A 272 14.95 -2.90 -4.36
N LYS A 273 15.69 -2.35 -5.29
CA LYS A 273 16.37 -3.10 -6.29
C LYS A 273 17.30 -4.12 -5.68
N GLU A 274 18.09 -3.69 -4.74
CA GLU A 274 19.00 -4.59 -4.07
C GLU A 274 18.26 -5.71 -3.30
N LEU A 275 17.15 -5.35 -2.63
CA LEU A 275 16.43 -6.32 -1.81
C LEU A 275 15.79 -7.44 -2.63
N LEU A 276 15.59 -7.17 -3.92
CA LEU A 276 15.04 -8.18 -4.83
C LEU A 276 16.02 -9.35 -5.04
N LYS A 277 17.26 -9.17 -4.60
CA LYS A 277 18.30 -10.18 -4.70
C LYS A 277 18.67 -10.74 -3.33
N HIS A 278 17.98 -10.28 -2.29
CA HIS A 278 18.25 -10.76 -0.94
C HIS A 278 17.98 -12.27 -0.87
N LYS A 279 18.80 -12.99 -0.10
CA LYS A 279 18.69 -14.45 -0.04
C LYS A 279 17.31 -14.92 0.40
N PHE A 280 16.63 -14.15 1.26
CA PHE A 280 15.32 -14.61 1.71
C PHE A 280 14.36 -14.67 0.53
N ILE A 281 14.40 -13.65 -0.31
CA ILE A 281 13.61 -13.60 -1.52
C ILE A 281 13.97 -14.72 -2.52
N LEU A 282 15.25 -14.83 -2.86
CA LEU A 282 15.67 -15.80 -3.88
C LEU A 282 15.42 -17.24 -3.43
N ARG A 283 15.60 -17.51 -2.14
CA ARG A 283 15.46 -18.87 -1.64
C ARG A 283 14.01 -19.30 -1.38
N ASN A 284 13.12 -18.36 -1.19
CA ASN A 284 11.77 -18.72 -0.77
C ASN A 284 10.64 -18.30 -1.69
N ALA A 285 10.84 -17.27 -2.50
CA ALA A 285 9.76 -16.78 -3.35
C ALA A 285 9.50 -17.71 -4.54
N LYS A 286 8.23 -17.84 -4.90
CA LYS A 286 7.82 -18.66 -6.04
C LYS A 286 6.86 -17.90 -6.94
N LYS A 287 6.28 -18.57 -7.93
CA LYS A 287 5.38 -17.91 -8.87
C LYS A 287 4.20 -17.23 -8.17
N THR A 288 3.77 -16.08 -8.67
CA THR A 288 2.70 -15.37 -7.96
C THR A 288 1.40 -16.14 -8.09
N SER A 289 1.24 -16.92 -9.16
CA SER A 289 0.02 -17.68 -9.37
C SER A 289 -0.31 -18.57 -8.19
N TYR A 290 0.72 -19.05 -7.49
CA TYR A 290 0.53 -19.90 -6.33
C TYR A 290 -0.21 -19.20 -5.19
N LEU A 291 -0.19 -17.87 -5.19
CA LEU A 291 -0.89 -17.11 -4.15
C LEU A 291 -2.41 -17.28 -4.26
N THR A 292 -2.88 -17.86 -5.37
CA THR A 292 -4.31 -18.15 -5.52
C THR A 292 -4.79 -19.05 -4.38
N GLU A 293 -3.91 -19.94 -3.92
CA GLU A 293 -4.23 -20.82 -2.80
C GLU A 293 -4.57 -20.01 -1.56
N LEU A 294 -3.83 -18.92 -1.36
CA LEU A 294 -4.05 -18.05 -0.23
C LEU A 294 -5.40 -17.37 -0.36
N ILE A 295 -5.76 -17.01 -1.58
CA ILE A 295 -7.07 -16.41 -1.84
C ILE A 295 -8.18 -17.47 -1.71
N ASP A 296 -7.95 -18.66 -2.26
CA ASP A 296 -8.91 -19.76 -2.12
C ASP A 296 -9.13 -20.05 -0.64
N ARG A 297 -8.05 -20.04 0.13
CA ARG A 297 -8.11 -20.27 1.57
C ARG A 297 -9.02 -19.27 2.25
N TYR A 298 -8.89 -18.00 1.85
CA TYR A 298 -9.71 -16.94 2.45
C TYR A 298 -11.18 -17.12 2.12
N LYS A 299 -11.49 -17.41 0.86
CA LYS A 299 -12.88 -17.60 0.44
C LYS A 299 -13.54 -18.69 1.26
N ARG A 300 -12.90 -19.86 1.31
CA ARG A 300 -13.44 -20.98 2.10
C ARG A 300 -13.62 -20.61 3.56
N TRP A 301 -12.66 -19.88 4.12
CA TRP A 301 -12.77 -19.38 5.48
C TRP A 301 -13.87 -18.41 5.70
N LYS A 302 -14.07 -17.53 4.76
CA LYS A 302 -15.10 -16.54 4.92
C LYS A 302 -16.42 -17.27 4.79
N ALA A 303 -16.42 -18.31 3.99
CA ALA A 303 -17.61 -19.03 3.65
C ALA A 303 -18.22 -19.63 4.89
N GLU A 304 -17.41 -20.18 5.80
CA GLU A 304 -17.96 -20.60 7.06
C GLU A 304 -18.43 -19.38 7.81
N GLN A 305 -17.56 -18.41 7.92
CA GLN A 305 -17.74 -17.23 8.74
C GLN A 305 -16.39 -16.79 9.25
C1 EDO B . 23.03 -17.88 5.33
O1 EDO B . 23.34 -17.63 3.96
C2 EDO B . 21.54 -18.07 5.51
O2 EDO B . 21.19 -17.61 6.82
FAF DKI C . -10.69 0.39 0.17
CAU DKI C . -9.44 0.54 0.45
CAI DKI C . -9.07 1.43 1.47
CAH DKI C . -7.72 1.62 1.79
CAJ DKI C . -6.73 0.92 1.09
CAV DKI C . -7.11 0.02 0.08
FAG DKI C . -6.19 -0.63 -0.58
CAZ DKI C . -8.45 -0.18 -0.27
NAQ DKI C . -8.71 -1.06 -1.26
CAS DKI C . -8.88 -0.91 -2.58
SAE DKI C . -8.46 0.60 -3.27
NBA DKI C . -9.27 -1.93 -3.32
NAP DKI C . -9.78 -2.99 -2.77
CAT DKI C . -9.18 -2.15 -4.65
NAA DKI C . -8.69 -1.35 -5.61
NAO DKI C . -9.66 -3.37 -4.90
CAX DKI C . -10.03 -3.89 -3.73
NAR DKI C . -10.58 -5.12 -3.64
CAW DKI C . -11.05 -5.84 -2.58
CAL DKI C . -11.15 -5.22 -1.31
CAN DKI C . -11.65 -5.95 -0.22
CAK DKI C . -11.45 -7.18 -2.73
CAM DKI C . -11.95 -7.91 -1.64
CAY DKI C . -12.05 -7.30 -0.38
SBB DKI C . -12.67 -8.28 0.96
OAC DKI C . -13.20 -7.35 2.15
OAD DKI C . -13.83 -9.24 0.45
NAB DKI C . -11.37 -9.30 1.55
#